data_2OQ4
#
_entry.id   2OQ4
#
_cell.length_a   107.130
_cell.length_b   107.130
_cell.length_c   164.860
_cell.angle_alpha   90.00
_cell.angle_beta   90.00
_cell.angle_gamma   90.00
#
_symmetry.space_group_name_H-M   'P 43 21 2'
#
loop_
_entity.id
_entity.type
_entity.pdbx_description
1 polymer "5'-D(*G*GP*CP*TP*TP*CP*AP*TP*CP*CP*TP*GP*G)-3'"
2 polymer "5'-D(*C*CP*AP*GP*GP*AP*(PED)P*GP*AP*AP*GP*CP*C)-3'"
3 polymer 'Endonuclease VIII'
4 non-polymer 'SODIUM ION'
5 non-polymer 'ZINC ION'
6 non-polymer 'SULFATE ION'
7 water water
#
loop_
_entity_poly.entity_id
_entity_poly.type
_entity_poly.pdbx_seq_one_letter_code
_entity_poly.pdbx_strand_id
1 'polydeoxyribonucleotide' (DG)(DG)(DC)(DT)(DT)(DC)(DA)(DT)(DC)(DC)(DT)(DG)(DG) C,E
2 'polydeoxyribonucleotide' (DC)(DC)(DA)(DG)(DG)(DA)(PED)(DG)(DA)(DA)(DG)(DC)(DC) D,F
3 'polypeptide(L)'
;PQGPEIRRAADNLEAAIKGKPLTDVWFAFPQLKTYQSQLIGQHVTHVETRGKALLTHFSNDLTLYSHNQLYGVWRVVDTG
EEPQTTRVLRVKLQTADKTILLYSASDIEMLRPEQLTTHPFLQRVGPDVLDPNLTPEVVKERLLSPRFRNRQFAGLLLDQ
AFLAGLGNYLRVEILWQVGLTGNHKAKDLNAAQLDALAHALLEIPRFSYATRGQVDENKHHGALFRFKVFHRDGEPCERC
GSIIEKTTLSSRPFYWCPGCQH
;
A,B
#
loop_
_chem_comp.id
_chem_comp.type
_chem_comp.name
_chem_comp.formula
DA DNA linking 2'-DEOXYADENOSINE-5'-MONOPHOSPHATE 'C10 H14 N5 O6 P'
DC DNA linking 2'-DEOXYCYTIDINE-5'-MONOPHOSPHATE 'C9 H14 N3 O7 P'
DG DNA linking 2'-DEOXYGUANOSINE-5'-MONOPHOSPHATE 'C10 H14 N5 O7 P'
DT DNA linking THYMIDINE-5'-MONOPHOSPHATE 'C10 H15 N2 O8 P'
NA non-polymer 'SODIUM ION' 'Na 1'
PED non-polymer PENTANE-3,4-DIOL-5-PHOSPHATE 'C5 H13 O6 P'
SO4 non-polymer 'SULFATE ION' 'O4 S -2'
ZN non-polymer 'ZINC ION' 'Zn 2'
#
# COMPACT_ATOMS: atom_id res chain seq x y z
P PED B 7 2.95 -21.27 3.56
O1P PED B 7 1.58 -21.83 3.53
O2P PED B 7 3.78 -21.40 4.79
O5' PED B 7 3.81 -21.86 2.34
C2' PED B 7 6.47 -22.13 0.05
C5' PED B 7 3.47 -23.09 1.71
C4' PED B 7 4.47 -23.42 0.61
O4' PED B 7 4.22 -22.55 -0.52
C3' PED B 7 5.94 -23.19 1.00
C1' PED B 7 6.65 -22.84 -1.30
O3' PED B 7 6.68 -24.39 0.78
P PED D 7 -7.42 18.70 9.02
O1P PED D 7 -6.87 18.79 10.39
O2P PED D 7 -8.89 18.70 8.81
O5' PED D 7 -6.80 19.85 8.13
C2' PED D 7 -7.74 21.57 5.21
C5' PED D 7 -6.78 21.20 8.60
C4' PED D 7 -7.04 22.17 7.47
O4' PED D 7 -5.89 22.13 6.61
C3' PED D 7 -8.28 21.85 6.61
C1' PED D 7 -7.18 22.91 4.72
O3' PED D 7 -9.14 23.00 6.53
N PRO E 1 7.85 -22.66 -2.09
CA PRO E 1 7.89 -23.72 -3.12
C PRO E 1 8.51 -25.01 -2.60
N GLN E 2 8.12 -26.15 -3.20
CA GLN E 2 8.61 -27.45 -2.77
C GLN E 2 9.08 -28.31 -3.93
N GLY E 3 9.37 -29.58 -3.63
CA GLY E 3 9.85 -30.53 -4.63
C GLY E 3 9.28 -30.40 -6.02
N PRO E 4 7.95 -30.43 -6.15
CA PRO E 4 7.29 -30.32 -7.46
C PRO E 4 7.84 -29.11 -8.22
N GLU E 5 7.73 -27.95 -7.59
CA GLU E 5 8.22 -26.72 -8.19
C GLU E 5 9.75 -26.74 -8.32
N ILE E 6 10.44 -27.52 -7.50
CA ILE E 6 11.89 -27.55 -7.58
C ILE E 6 12.41 -28.43 -8.72
N ARG E 7 11.66 -29.48 -9.05
CA ARG E 7 12.04 -30.39 -10.13
C ARG E 7 11.70 -29.74 -11.47
N ARG E 8 10.57 -29.06 -11.53
CA ARG E 8 10.16 -28.39 -12.76
C ARG E 8 11.19 -27.33 -13.16
N ALA E 9 11.75 -26.65 -12.16
CA ALA E 9 12.74 -25.63 -12.41
C ALA E 9 14.07 -26.28 -12.79
N ALA E 10 14.44 -27.31 -12.03
CA ALA E 10 15.67 -28.04 -12.31
C ALA E 10 15.70 -28.40 -13.80
N ASP E 11 14.64 -29.06 -14.24
CA ASP E 11 14.52 -29.48 -15.62
C ASP E 11 14.65 -28.29 -16.57
N ASN E 12 13.96 -27.20 -16.25
CA ASN E 12 14.05 -26.02 -17.09
C ASN E 12 15.50 -25.60 -17.17
N LEU E 13 16.21 -25.82 -16.07
CA LEU E 13 17.63 -25.50 -16.00
C LEU E 13 18.43 -26.42 -16.90
N GLU E 14 18.13 -27.71 -16.84
CA GLU E 14 18.85 -28.69 -17.67
C GLU E 14 18.54 -28.47 -19.15
N ALA E 15 17.30 -28.07 -19.42
CA ALA E 15 16.87 -27.84 -20.79
C ALA E 15 17.57 -26.64 -21.40
N ALA E 16 18.01 -25.73 -20.55
CA ALA E 16 18.68 -24.52 -21.03
C ALA E 16 20.19 -24.55 -21.11
N ILE E 17 20.89 -25.17 -20.16
CA ILE E 17 22.35 -25.15 -20.25
C ILE E 17 23.10 -26.46 -20.04
N LYS E 18 22.42 -27.52 -19.62
CA LYS E 18 23.10 -28.79 -19.43
C LYS E 18 23.92 -29.16 -20.66
N GLY E 19 25.03 -29.85 -20.44
CA GLY E 19 25.91 -30.25 -21.51
C GLY E 19 26.54 -29.08 -22.25
N LYS E 20 26.09 -27.87 -21.95
CA LYS E 20 26.62 -26.71 -22.64
C LYS E 20 27.80 -26.03 -21.97
N PRO E 21 28.91 -25.85 -22.69
CA PRO E 21 30.07 -25.20 -22.07
C PRO E 21 29.73 -23.80 -21.56
N LEU E 22 29.95 -23.60 -20.26
CA LEU E 22 29.67 -22.32 -19.63
C LEU E 22 30.68 -21.26 -20.06
N THR E 23 30.16 -20.15 -20.56
CA THR E 23 31.02 -19.07 -21.01
C THR E 23 31.22 -18.05 -19.89
N ASP E 24 30.56 -18.26 -18.76
CA ASP E 24 30.70 -17.40 -17.59
C ASP E 24 29.98 -17.89 -16.35
N VAL E 25 30.53 -17.54 -15.20
CA VAL E 25 29.96 -17.93 -13.92
C VAL E 25 30.00 -16.68 -13.03
N TRP E 26 29.03 -16.54 -12.15
CA TRP E 26 28.99 -15.40 -11.25
C TRP E 26 28.22 -15.68 -9.98
N PHE E 27 28.76 -15.22 -8.86
CA PHE E 27 28.12 -15.39 -7.58
C PHE E 27 28.17 -14.11 -6.74
N ALA E 28 27.11 -13.91 -5.98
CA ALA E 28 26.98 -12.76 -5.10
C ALA E 28 27.90 -12.99 -3.89
N PHE E 29 27.89 -14.20 -3.36
CA PHE E 29 28.73 -14.49 -2.20
C PHE E 29 30.21 -14.51 -2.53
N PRO E 30 30.97 -13.58 -1.94
CA PRO E 30 32.41 -13.48 -2.16
C PRO E 30 33.07 -14.84 -2.08
N GLN E 31 32.72 -15.59 -1.05
CA GLN E 31 33.28 -16.92 -0.83
C GLN E 31 33.19 -17.81 -2.06
N LEU E 32 32.18 -17.56 -2.88
CA LEU E 32 31.98 -18.38 -4.08
C LEU E 32 32.70 -17.83 -5.32
N LYS E 33 33.16 -16.59 -5.23
CA LYS E 33 33.88 -15.95 -6.35
C LYS E 33 35.01 -16.85 -6.84
N THR E 34 35.68 -17.53 -5.92
CA THR E 34 36.80 -18.42 -6.22
C THR E 34 36.48 -19.57 -7.19
N TYR E 35 35.21 -19.93 -7.30
CA TYR E 35 34.81 -21.02 -8.20
C TYR E 35 34.44 -20.53 -9.60
N GLN E 36 34.31 -19.22 -9.77
CA GLN E 36 33.96 -18.65 -11.08
C GLN E 36 34.97 -19.03 -12.16
N SER E 37 36.12 -18.36 -12.22
CA SER E 37 37.10 -18.68 -13.23
C SER E 37 37.23 -20.20 -13.31
N GLN E 38 37.17 -20.84 -12.15
CA GLN E 38 37.28 -22.28 -12.08
C GLN E 38 36.24 -23.02 -12.90
N LEU E 39 35.04 -22.46 -12.97
CA LEU E 39 33.92 -23.07 -13.68
C LEU E 39 33.77 -22.67 -15.15
N ILE E 40 34.33 -21.51 -15.50
CA ILE E 40 34.28 -21.06 -16.86
C ILE E 40 34.98 -22.16 -17.68
N GLY E 41 34.38 -22.55 -18.80
CA GLY E 41 34.95 -23.58 -19.63
C GLY E 41 34.47 -24.98 -19.28
N GLN E 42 33.67 -25.09 -18.23
CA GLN E 42 33.09 -26.37 -17.81
C GLN E 42 31.61 -26.34 -18.17
N HIS E 43 30.88 -27.40 -17.83
CA HIS E 43 29.46 -27.45 -18.11
C HIS E 43 28.68 -28.32 -17.12
N VAL E 44 27.39 -28.02 -16.98
CA VAL E 44 26.51 -28.79 -16.10
C VAL E 44 26.30 -30.15 -16.75
N THR E 45 26.74 -31.20 -16.07
CA THR E 45 26.57 -32.54 -16.60
C THR E 45 25.15 -33.00 -16.32
N HIS E 46 24.58 -32.51 -15.22
CA HIS E 46 23.20 -32.79 -14.84
C HIS E 46 22.79 -32.01 -13.60
N VAL E 47 21.54 -31.56 -13.56
CA VAL E 47 21.04 -30.86 -12.39
C VAL E 47 20.19 -31.88 -11.63
N GLU E 48 20.47 -32.04 -10.36
CA GLU E 48 19.73 -33.01 -9.55
C GLU E 48 18.92 -32.39 -8.44
N THR E 49 17.85 -33.07 -8.03
CA THR E 49 17.03 -32.60 -6.92
C THR E 49 16.95 -33.71 -5.87
N ARG E 50 16.60 -33.36 -4.65
CA ARG E 50 16.46 -34.33 -3.56
C ARG E 50 15.57 -33.66 -2.54
N GLY E 51 14.45 -33.14 -3.01
CA GLY E 51 13.52 -32.41 -2.16
C GLY E 51 13.52 -30.98 -2.70
N LYS E 52 13.65 -30.02 -1.80
CA LYS E 52 13.68 -28.64 -2.19
C LYS E 52 15.15 -28.22 -2.29
N ALA E 53 16.01 -29.23 -2.20
CA ALA E 53 17.45 -29.03 -2.29
C ALA E 53 17.85 -29.19 -3.76
N LEU E 54 18.54 -28.20 -4.31
CA LEU E 54 18.95 -28.21 -5.72
C LEU E 54 20.46 -28.40 -5.93
N LEU E 55 20.82 -29.51 -6.57
CA LEU E 55 22.20 -29.86 -6.84
C LEU E 55 22.59 -29.75 -8.32
N THR E 56 23.29 -28.67 -8.70
CA THR E 56 23.70 -28.55 -10.09
C THR E 56 25.19 -28.96 -10.23
N HIS E 57 25.38 -30.16 -10.75
CA HIS E 57 26.68 -30.79 -10.94
C HIS E 57 27.45 -30.23 -12.14
N PHE E 58 28.76 -30.27 -12.05
CA PHE E 58 29.58 -29.78 -13.13
C PHE E 58 30.49 -30.88 -13.63
N SER E 59 31.09 -30.65 -14.79
CA SER E 59 31.96 -31.61 -15.42
C SER E 59 33.23 -31.87 -14.60
N ASN E 60 33.59 -30.95 -13.73
CA ASN E 60 34.78 -31.11 -12.90
C ASN E 60 34.46 -31.69 -11.53
N ASP E 61 33.38 -32.45 -11.46
CA ASP E 61 32.97 -33.10 -10.22
C ASP E 61 32.51 -32.20 -9.09
N LEU E 62 32.45 -30.91 -9.38
CA LEU E 62 31.97 -29.95 -8.39
C LEU E 62 30.45 -29.95 -8.50
N THR E 63 29.78 -29.56 -7.42
CA THR E 63 28.33 -29.51 -7.44
C THR E 63 27.83 -28.25 -6.73
N LEU E 64 26.97 -27.51 -7.40
CA LEU E 64 26.41 -26.31 -6.81
C LEU E 64 25.14 -26.73 -6.07
N TYR E 65 25.12 -26.48 -4.77
CA TYR E 65 23.98 -26.82 -3.93
C TYR E 65 23.20 -25.54 -3.62
N SER E 66 21.88 -25.65 -3.52
CA SER E 66 21.06 -24.51 -3.17
C SER E 66 19.64 -24.89 -2.73
N HIS E 67 19.16 -24.18 -1.70
CA HIS E 67 17.81 -24.37 -1.16
C HIS E 67 17.08 -23.03 -1.37
N ASN E 68 15.91 -23.06 -1.99
CA ASN E 68 15.19 -21.83 -2.24
C ASN E 68 14.40 -21.34 -1.04
N GLN E 69 14.37 -22.16 0.01
CA GLN E 69 13.63 -21.85 1.21
C GLN E 69 12.24 -21.32 0.81
N LEU E 70 11.95 -20.03 1.03
CA LEU E 70 10.64 -19.49 0.67
C LEU E 70 10.67 -18.30 -0.31
N TYR E 71 11.87 -17.85 -0.70
CA TYR E 71 11.99 -16.68 -1.56
C TYR E 71 12.85 -16.84 -2.82
N GLY E 72 13.75 -17.81 -2.81
CA GLY E 72 14.60 -18.03 -3.97
C GLY E 72 13.84 -18.61 -5.16
N VAL E 73 14.15 -18.11 -6.34
CA VAL E 73 13.50 -18.58 -7.55
C VAL E 73 14.48 -18.57 -8.73
N TRP E 74 14.35 -19.53 -9.63
CA TRP E 74 15.23 -19.58 -10.79
C TRP E 74 14.61 -18.99 -12.03
N ARG E 75 15.40 -18.22 -12.74
CA ARG E 75 14.93 -17.63 -13.99
C ARG E 75 15.75 -18.29 -15.09
N VAL E 76 15.25 -18.20 -16.31
CA VAL E 76 15.94 -18.73 -17.46
C VAL E 76 15.68 -17.69 -18.52
N VAL E 77 16.74 -17.00 -18.91
CA VAL E 77 16.65 -15.95 -19.92
C VAL E 77 17.63 -16.24 -21.03
N ASP E 78 17.57 -15.42 -22.06
CA ASP E 78 18.47 -15.57 -23.19
C ASP E 78 19.72 -14.81 -22.78
N THR E 79 20.88 -15.34 -23.14
CA THR E 79 22.14 -14.71 -22.76
C THR E 79 22.27 -13.22 -23.05
N GLY E 80 22.60 -12.45 -22.02
CA GLY E 80 22.77 -11.01 -22.18
C GLY E 80 21.51 -10.26 -21.81
N GLU E 81 20.42 -11.00 -21.63
CA GLU E 81 19.15 -10.44 -21.26
C GLU E 81 18.96 -10.55 -19.74
N GLU E 82 18.38 -9.53 -19.12
CA GLU E 82 18.14 -9.61 -17.69
C GLU E 82 16.88 -8.85 -17.29
N PRO E 83 15.70 -9.45 -17.50
CA PRO E 83 14.47 -8.76 -17.12
C PRO E 83 14.68 -8.20 -15.71
N GLN E 84 14.03 -7.09 -15.39
CA GLN E 84 14.20 -6.48 -14.08
C GLN E 84 13.25 -6.90 -12.97
N THR E 85 13.69 -6.59 -11.75
CA THR E 85 12.99 -6.88 -10.50
C THR E 85 13.89 -6.41 -9.36
N THR E 86 13.36 -6.33 -8.15
CA THR E 86 14.15 -5.87 -7.02
C THR E 86 14.88 -7.03 -6.36
N ARG E 87 14.60 -8.25 -6.84
CA ARG E 87 15.24 -9.45 -6.31
C ARG E 87 16.77 -9.37 -6.38
N VAL E 88 17.43 -9.92 -5.37
CA VAL E 88 18.90 -9.92 -5.33
C VAL E 88 19.47 -11.16 -6.00
N LEU E 89 20.08 -10.97 -7.17
CA LEU E 89 20.69 -12.07 -7.91
C LEU E 89 21.78 -12.73 -7.07
N ARG E 90 21.77 -14.05 -7.04
CA ARG E 90 22.75 -14.79 -6.26
C ARG E 90 23.67 -15.65 -7.10
N VAL E 91 23.21 -16.05 -8.27
CA VAL E 91 24.03 -16.88 -9.16
C VAL E 91 23.74 -16.67 -10.63
N LYS E 92 24.82 -16.64 -11.42
CA LYS E 92 24.75 -16.50 -12.87
C LYS E 92 25.59 -17.63 -13.47
N LEU E 93 24.96 -18.44 -14.31
CA LEU E 93 25.58 -19.56 -15.01
C LEU E 93 25.18 -19.32 -16.47
N GLN E 94 26.11 -18.80 -17.26
CA GLN E 94 25.82 -18.44 -18.63
C GLN E 94 26.59 -19.17 -19.73
N THR E 95 25.89 -19.42 -20.84
CA THR E 95 26.49 -20.06 -22.00
C THR E 95 26.21 -19.20 -23.23
N ALA E 96 26.63 -19.65 -24.41
CA ALA E 96 26.40 -18.85 -25.64
C ALA E 96 24.99 -18.27 -25.79
N ASP E 97 23.98 -19.13 -25.72
CA ASP E 97 22.61 -18.67 -25.90
C ASP E 97 21.76 -18.56 -24.63
N LYS E 98 21.68 -19.65 -23.87
CA LYS E 98 20.87 -19.67 -22.65
C LYS E 98 21.67 -19.37 -21.38
N THR E 99 20.97 -18.78 -20.41
CA THR E 99 21.53 -18.45 -19.12
C THR E 99 20.44 -18.67 -18.08
N ILE E 100 20.88 -18.99 -16.88
CA ILE E 100 19.98 -19.24 -15.79
C ILE E 100 20.37 -18.27 -14.68
N LEU E 101 19.36 -17.81 -13.95
CA LEU E 101 19.60 -16.87 -12.87
C LEU E 101 18.88 -17.28 -11.59
N LEU E 102 19.59 -17.22 -10.47
CA LEU E 102 19.00 -17.54 -9.19
C LEU E 102 18.92 -16.27 -8.35
N TYR E 103 17.71 -15.96 -7.89
CA TYR E 103 17.51 -14.78 -7.08
C TYR E 103 17.03 -15.14 -5.67
N SER E 104 17.23 -14.19 -4.76
CA SER E 104 16.83 -14.27 -3.36
C SER E 104 17.54 -15.31 -2.52
N ALA E 105 17.39 -16.58 -2.88
CA ALA E 105 18.01 -17.68 -2.15
C ALA E 105 19.22 -17.28 -1.30
N SER E 106 19.32 -17.87 -0.12
CA SER E 106 20.43 -17.56 0.77
C SER E 106 21.27 -18.79 1.07
N ASP E 107 20.70 -19.98 0.94
CA ASP E 107 21.47 -21.19 1.19
C ASP E 107 22.09 -21.69 -0.10
N ILE E 108 23.26 -21.15 -0.44
CA ILE E 108 23.97 -21.55 -1.65
C ILE E 108 25.39 -21.90 -1.31
N GLU E 109 25.71 -23.18 -1.44
CA GLU E 109 27.03 -23.67 -1.11
C GLU E 109 27.59 -24.51 -2.28
N MET E 110 28.91 -24.60 -2.37
CA MET E 110 29.58 -25.39 -3.42
C MET E 110 30.14 -26.61 -2.72
N LEU E 111 29.83 -27.78 -3.25
CA LEU E 111 30.30 -29.04 -2.70
C LEU E 111 31.19 -29.80 -3.67
N ARG E 112 32.15 -30.52 -3.08
CA ARG E 112 33.07 -31.37 -3.82
C ARG E 112 32.53 -32.76 -3.48
N PRO E 113 33.06 -33.82 -4.13
CA PRO E 113 32.53 -35.14 -3.76
C PRO E 113 32.97 -35.53 -2.34
N GLU E 114 31.99 -35.88 -1.50
CA GLU E 114 32.16 -36.28 -0.09
C GLU E 114 31.02 -35.58 0.65
N GLN E 115 30.90 -34.28 0.39
CA GLN E 115 29.86 -33.49 1.01
C GLN E 115 28.51 -33.87 0.44
N LEU E 116 28.52 -34.62 -0.66
CA LEU E 116 27.26 -35.04 -1.27
C LEU E 116 26.56 -36.07 -0.39
N THR E 117 27.21 -36.46 0.70
CA THR E 117 26.66 -37.40 1.66
C THR E 117 27.02 -36.85 3.04
N THR E 118 27.59 -35.65 3.05
CA THR E 118 28.03 -35.01 4.27
C THR E 118 27.34 -33.69 4.64
N HIS E 119 26.88 -32.97 3.63
CA HIS E 119 26.18 -31.69 3.81
C HIS E 119 25.08 -31.90 4.87
N PRO E 120 24.87 -30.88 5.73
CA PRO E 120 23.88 -30.88 6.80
C PRO E 120 22.49 -31.34 6.38
N PHE E 121 22.00 -30.73 5.29
CA PHE E 121 20.67 -31.08 4.79
C PHE E 121 20.68 -32.40 4.02
N LEU E 122 21.63 -32.53 3.11
CA LEU E 122 21.69 -33.75 2.33
C LEU E 122 21.75 -35.00 3.18
N GLN E 123 22.49 -34.93 4.28
CA GLN E 123 22.65 -36.08 5.17
C GLN E 123 21.30 -36.49 5.77
N ARG E 124 20.53 -35.50 6.18
CA ARG E 124 19.23 -35.70 6.80
C ARG E 124 18.05 -36.25 5.97
N VAL E 125 17.77 -35.65 4.82
CA VAL E 125 16.60 -36.06 4.03
C VAL E 125 16.32 -37.54 3.74
N GLY E 126 15.02 -37.85 3.71
CA GLY E 126 14.55 -39.20 3.43
C GLY E 126 14.22 -39.32 1.94
N PRO E 127 13.65 -40.45 1.52
CA PRO E 127 13.31 -40.67 0.12
C PRO E 127 12.56 -39.48 -0.49
N ASP E 128 12.64 -39.37 -1.81
CA ASP E 128 11.99 -38.30 -2.58
C ASP E 128 10.66 -38.83 -3.15
N VAL E 129 9.58 -38.10 -2.90
CA VAL E 129 8.28 -38.48 -3.40
C VAL E 129 8.33 -38.51 -4.92
N LEU E 130 9.17 -37.66 -5.51
CA LEU E 130 9.34 -37.60 -6.95
C LEU E 130 10.25 -38.72 -7.44
N ASP E 131 10.94 -39.37 -6.51
CA ASP E 131 11.84 -40.48 -6.82
C ASP E 131 11.02 -41.70 -7.27
N PRO E 132 11.26 -42.17 -8.50
CA PRO E 132 10.54 -43.33 -9.05
C PRO E 132 10.62 -44.61 -8.20
N ASN E 133 11.82 -45.13 -8.04
CA ASN E 133 12.04 -46.36 -7.27
C ASN E 133 11.36 -46.35 -5.91
N LEU E 134 10.88 -45.19 -5.50
CA LEU E 134 10.18 -45.08 -4.24
C LEU E 134 8.75 -45.54 -4.49
N THR E 135 8.35 -46.66 -3.92
CA THR E 135 7.00 -47.17 -4.12
C THR E 135 6.12 -46.99 -2.89
N PRO E 136 4.79 -47.03 -3.08
CA PRO E 136 3.84 -46.87 -1.98
C PRO E 136 4.17 -47.84 -0.87
N GLU E 137 4.50 -49.06 -1.25
CA GLU E 137 4.85 -50.12 -0.29
C GLU E 137 5.98 -49.70 0.61
N VAL E 138 7.06 -49.20 0.02
CA VAL E 138 8.21 -48.75 0.78
C VAL E 138 7.73 -47.63 1.71
N VAL E 139 7.15 -46.60 1.10
CA VAL E 139 6.63 -45.45 1.84
C VAL E 139 5.68 -45.94 2.95
N LYS E 140 4.91 -46.98 2.65
CA LYS E 140 3.98 -47.57 3.59
C LYS E 140 4.74 -48.18 4.77
N GLU E 141 5.86 -48.84 4.49
CA GLU E 141 6.68 -49.46 5.52
C GLU E 141 7.26 -48.40 6.44
N ARG E 142 7.76 -47.34 5.81
CA ARG E 142 8.37 -46.23 6.51
C ARG E 142 7.37 -45.60 7.49
N LEU E 143 6.11 -45.46 7.07
CA LEU E 143 5.08 -44.88 7.93
C LEU E 143 4.91 -45.68 9.20
N LEU E 144 4.99 -46.99 9.07
CA LEU E 144 4.82 -47.89 10.20
C LEU E 144 6.13 -48.17 10.93
N SER E 145 7.26 -47.96 10.25
CA SER E 145 8.56 -48.21 10.89
C SER E 145 8.56 -47.53 12.25
N PRO E 146 9.43 -48.00 13.17
CA PRO E 146 9.47 -47.40 14.50
C PRO E 146 9.91 -45.95 14.59
N ARG E 147 10.59 -45.46 13.56
CA ARG E 147 11.06 -44.07 13.52
C ARG E 147 9.97 -43.02 13.29
N PHE E 148 8.84 -43.42 12.72
CA PHE E 148 7.74 -42.47 12.46
C PHE E 148 6.37 -42.91 12.98
N ARG E 149 6.22 -44.20 13.25
CA ARG E 149 4.97 -44.76 13.74
C ARG E 149 4.21 -43.92 14.77
N ASN E 150 4.93 -43.31 15.71
CA ASN E 150 4.29 -42.52 16.75
C ASN E 150 4.36 -41.01 16.54
N ARG E 151 4.29 -40.57 15.30
CA ARG E 151 4.34 -39.15 14.99
C ARG E 151 3.11 -38.67 14.19
N GLN E 152 2.59 -37.50 14.57
CA GLN E 152 1.44 -36.92 13.93
C GLN E 152 1.81 -36.38 12.54
N PHE E 153 0.89 -36.53 11.60
CA PHE E 153 1.13 -36.11 10.23
C PHE E 153 1.32 -34.61 10.09
N ALA E 154 0.59 -33.83 10.88
CA ALA E 154 0.71 -32.37 10.84
C ALA E 154 2.18 -31.95 10.84
N GLY E 155 2.99 -32.69 11.61
CA GLY E 155 4.40 -32.39 11.70
C GLY E 155 5.25 -33.26 10.80
N LEU E 156 4.90 -34.55 10.70
CA LEU E 156 5.66 -35.49 9.86
C LEU E 156 5.64 -35.13 8.37
N LEU E 157 4.48 -34.76 7.86
CA LEU E 157 4.33 -34.42 6.46
C LEU E 157 5.09 -33.17 6.04
N LEU E 158 5.81 -32.59 6.99
CA LEU E 158 6.64 -31.42 6.72
C LEU E 158 8.12 -31.77 6.90
N ASP E 159 8.38 -32.75 7.75
CA ASP E 159 9.73 -33.21 8.07
C ASP E 159 10.47 -33.90 6.91
N GLN E 160 11.48 -33.24 6.38
CA GLN E 160 12.26 -33.77 5.27
C GLN E 160 12.94 -35.11 5.61
N ALA E 161 13.17 -35.34 6.91
CA ALA E 161 13.80 -36.58 7.37
C ALA E 161 12.93 -37.78 6.99
N PHE E 162 11.62 -37.54 6.88
CA PHE E 162 10.65 -38.57 6.52
C PHE E 162 10.50 -38.71 5.01
N LEU E 163 10.24 -37.60 4.33
CA LEU E 163 10.07 -37.59 2.87
C LEU E 163 10.42 -36.21 2.36
N ALA E 164 11.27 -36.16 1.34
CA ALA E 164 11.70 -34.91 0.75
C ALA E 164 10.78 -34.46 -0.37
N GLY E 165 10.51 -33.16 -0.37
CA GLY E 165 9.67 -32.58 -1.41
C GLY E 165 8.28 -32.16 -0.98
N LEU E 166 7.90 -32.51 0.25
CA LEU E 166 6.58 -32.16 0.75
C LEU E 166 6.64 -30.88 1.55
N GLY E 167 5.71 -29.97 1.29
CA GLY E 167 5.67 -28.71 1.98
C GLY E 167 4.29 -28.53 2.62
N ASN E 168 3.93 -27.31 2.95
CA ASN E 168 2.63 -27.11 3.60
C ASN E 168 1.41 -27.34 2.73
N TYR E 169 1.33 -26.68 1.58
CA TYR E 169 0.19 -26.86 0.69
C TYR E 169 0.02 -28.34 0.35
N LEU E 170 1.13 -29.04 0.19
CA LEU E 170 1.02 -30.46 -0.10
C LEU E 170 0.55 -31.13 1.20
N ARG E 171 0.87 -30.50 2.33
CA ARG E 171 0.49 -31.04 3.62
C ARG E 171 -1.03 -31.06 3.77
N VAL E 172 -1.64 -29.90 3.57
CA VAL E 172 -3.08 -29.77 3.70
C VAL E 172 -3.82 -30.65 2.68
N GLU E 173 -3.38 -30.55 1.43
CA GLU E 173 -3.95 -31.28 0.30
C GLU E 173 -3.95 -32.81 0.44
N ILE E 174 -2.83 -33.38 0.87
CA ILE E 174 -2.72 -34.83 0.99
C ILE E 174 -3.68 -35.34 2.06
N LEU E 175 -3.72 -34.67 3.20
CA LEU E 175 -4.62 -35.07 4.28
C LEU E 175 -6.07 -34.87 3.91
N TRP E 176 -6.36 -33.82 3.14
CA TRP E 176 -7.73 -33.64 2.71
C TRP E 176 -8.04 -34.72 1.69
N GLN E 177 -7.04 -35.17 0.96
CA GLN E 177 -7.24 -36.19 -0.06
C GLN E 177 -7.77 -37.49 0.54
N VAL E 178 -7.25 -37.83 1.69
CA VAL E 178 -7.66 -39.06 2.35
C VAL E 178 -8.55 -38.81 3.55
N GLY E 179 -9.15 -37.63 3.61
CA GLY E 179 -10.06 -37.27 4.69
C GLY E 179 -9.51 -37.32 6.11
N LEU E 180 -8.27 -36.87 6.27
CA LEU E 180 -7.64 -36.86 7.59
C LEU E 180 -7.22 -35.46 7.99
N THR E 181 -7.10 -35.25 9.29
CA THR E 181 -6.64 -33.99 9.84
C THR E 181 -5.21 -34.26 10.24
N GLY E 182 -4.51 -33.26 10.75
CA GLY E 182 -3.12 -33.46 11.12
C GLY E 182 -2.88 -34.07 12.49
N ASN E 183 -3.93 -34.49 13.19
CA ASN E 183 -3.76 -35.06 14.52
C ASN E 183 -3.69 -36.59 14.61
N HIS E 184 -3.53 -37.28 13.49
CA HIS E 184 -3.44 -38.75 13.51
C HIS E 184 -1.99 -39.22 13.53
N LYS E 185 -1.79 -40.53 13.61
CA LYS E 185 -0.46 -41.13 13.61
C LYS E 185 -0.53 -42.44 12.85
N ALA E 186 0.51 -42.73 12.07
CA ALA E 186 0.54 -43.94 11.26
C ALA E 186 -0.04 -45.15 12.01
N LYS E 187 0.31 -45.27 13.29
CA LYS E 187 -0.15 -46.37 14.13
C LYS E 187 -1.65 -46.36 14.38
N ASP E 188 -2.26 -45.17 14.39
CA ASP E 188 -3.70 -45.08 14.59
C ASP E 188 -4.35 -45.02 13.21
N LEU E 189 -4.36 -46.15 12.52
CA LEU E 189 -4.94 -46.20 11.19
C LEU E 189 -5.22 -47.63 10.80
N ASN E 190 -6.22 -47.79 9.94
CA ASN E 190 -6.57 -49.12 9.46
C ASN E 190 -5.79 -49.30 8.17
N ALA E 191 -5.69 -50.54 7.73
CA ALA E 191 -4.99 -50.85 6.51
C ALA E 191 -5.49 -50.07 5.25
N ALA E 192 -6.76 -49.65 5.22
CA ALA E 192 -7.29 -48.91 4.06
C ALA E 192 -6.87 -47.44 4.04
N GLN E 193 -6.71 -46.84 5.22
CA GLN E 193 -6.31 -45.44 5.28
C GLN E 193 -4.80 -45.23 5.16
N LEU E 194 -4.02 -46.25 5.53
CA LEU E 194 -2.57 -46.18 5.46
C LEU E 194 -2.17 -46.32 4.00
N ASP E 195 -2.80 -47.27 3.31
CA ASP E 195 -2.52 -47.50 1.90
C ASP E 195 -2.98 -46.26 1.12
N ALA E 196 -4.08 -45.68 1.53
CA ALA E 196 -4.57 -44.48 0.87
C ALA E 196 -3.52 -43.41 1.10
N LEU E 197 -3.31 -43.04 2.35
CA LEU E 197 -2.32 -42.05 2.73
C LEU E 197 -1.04 -42.30 1.91
N ALA E 198 -0.62 -43.55 1.88
CA ALA E 198 0.57 -43.99 1.17
C ALA E 198 0.67 -43.42 -0.24
N HIS E 199 -0.31 -43.77 -1.07
CA HIS E 199 -0.39 -43.32 -2.46
C HIS E 199 -0.48 -41.79 -2.58
N ALA E 200 -1.42 -41.21 -1.86
CA ALA E 200 -1.63 -39.76 -1.89
C ALA E 200 -0.30 -39.04 -1.68
N LEU E 201 0.51 -39.62 -0.81
CA LEU E 201 1.81 -39.09 -0.46
C LEU E 201 2.77 -39.02 -1.64
N LEU E 202 2.54 -39.89 -2.62
CA LEU E 202 3.39 -39.90 -3.80
C LEU E 202 2.67 -39.37 -5.03
N GLU E 203 1.47 -39.90 -5.27
CA GLU E 203 0.65 -39.52 -6.42
C GLU E 203 0.35 -38.03 -6.51
N ILE E 204 -0.21 -37.46 -5.45
CA ILE E 204 -0.52 -36.04 -5.43
C ILE E 204 0.69 -35.19 -5.77
N PRO E 205 1.76 -35.27 -4.95
CA PRO E 205 2.96 -34.47 -5.26
C PRO E 205 3.37 -34.58 -6.74
N ARG E 206 3.29 -35.80 -7.28
CA ARG E 206 3.63 -36.02 -8.67
C ARG E 206 2.65 -35.30 -9.58
N PHE E 207 1.35 -35.49 -9.30
CA PHE E 207 0.28 -34.87 -10.10
C PHE E 207 0.54 -33.38 -10.12
N SER E 208 0.95 -32.85 -8.99
CA SER E 208 1.23 -31.42 -8.90
C SER E 208 2.40 -31.14 -9.84
N TYR E 209 3.48 -31.89 -9.69
CA TYR E 209 4.66 -31.71 -10.52
C TYR E 209 4.34 -31.79 -12.01
N ALA E 210 3.65 -32.85 -12.42
CA ALA E 210 3.30 -33.07 -13.80
C ALA E 210 2.24 -32.10 -14.35
N THR E 211 1.33 -31.64 -13.51
CA THR E 211 0.29 -30.75 -14.01
C THR E 211 0.21 -29.31 -13.49
N ARG E 212 0.66 -29.05 -12.27
CA ARG E 212 0.62 -27.68 -11.77
C ARG E 212 1.20 -26.74 -12.83
N GLY E 213 0.36 -25.84 -13.34
CA GLY E 213 0.82 -24.92 -14.37
C GLY E 213 1.37 -25.69 -15.56
N LEU E 224 -6.30 -31.90 -14.56
CA LEU E 224 -5.17 -31.01 -14.15
C LEU E 224 -5.22 -30.71 -12.65
N PHE E 225 -4.06 -30.43 -12.07
CA PHE E 225 -3.95 -30.11 -10.67
C PHE E 225 -4.52 -28.74 -10.32
N ARG E 226 -5.28 -28.70 -9.23
CA ARG E 226 -5.89 -27.47 -8.76
C ARG E 226 -5.95 -27.60 -7.24
N PHE E 227 -6.13 -26.49 -6.54
CA PHE E 227 -6.21 -26.53 -5.09
C PHE E 227 -7.60 -26.93 -4.61
N LYS E 228 -7.64 -27.87 -3.69
CA LYS E 228 -8.92 -28.33 -3.15
C LYS E 228 -9.19 -27.88 -1.72
N VAL E 229 -8.17 -27.32 -1.06
CA VAL E 229 -8.37 -26.83 0.30
C VAL E 229 -7.35 -25.75 0.66
N PHE E 230 -6.34 -25.55 -0.18
CA PHE E 230 -5.32 -24.53 0.09
C PHE E 230 -5.76 -23.13 -0.36
N HIS E 231 -5.85 -22.18 0.57
CA HIS E 231 -6.29 -20.83 0.24
C HIS E 231 -7.77 -20.89 -0.19
N ARG E 232 -8.56 -21.62 0.60
CA ARG E 232 -9.98 -21.82 0.34
C ARG E 232 -10.89 -21.63 1.57
N ASP E 233 -10.48 -20.78 2.51
CA ASP E 233 -11.29 -20.51 3.70
C ASP E 233 -12.52 -19.70 3.27
N GLY E 234 -13.71 -20.20 3.59
CA GLY E 234 -14.94 -19.52 3.21
C GLY E 234 -15.50 -20.11 1.93
N GLU E 235 -14.67 -20.90 1.25
CA GLU E 235 -15.08 -21.55 0.02
C GLU E 235 -15.79 -22.86 0.36
N PRO E 236 -16.57 -23.39 -0.60
CA PRO E 236 -17.31 -24.63 -0.39
C PRO E 236 -16.50 -25.91 -0.64
N CYS E 237 -16.52 -26.81 0.32
CA CYS E 237 -15.82 -28.06 0.16
C CYS E 237 -16.41 -28.73 -1.07
N GLU E 238 -15.57 -29.14 -2.01
CA GLU E 238 -16.09 -29.76 -3.22
C GLU E 238 -16.55 -31.19 -3.02
N ARG E 239 -16.10 -31.82 -1.95
CA ARG E 239 -16.49 -33.20 -1.68
C ARG E 239 -17.79 -33.31 -0.87
N CYS E 240 -17.86 -32.61 0.25
CA CYS E 240 -19.03 -32.66 1.11
C CYS E 240 -19.75 -31.33 1.12
N GLY E 241 -18.98 -30.25 1.01
CA GLY E 241 -19.57 -28.92 0.99
C GLY E 241 -19.55 -28.15 2.30
N SER E 242 -18.75 -28.58 3.27
CA SER E 242 -18.70 -27.85 4.53
C SER E 242 -17.87 -26.58 4.43
N ILE E 243 -17.91 -25.76 5.49
CA ILE E 243 -17.14 -24.52 5.50
C ILE E 243 -15.70 -24.76 5.91
N ILE E 244 -14.77 -24.52 4.99
CA ILE E 244 -13.34 -24.73 5.24
C ILE E 244 -12.75 -23.56 6.03
N GLU E 245 -12.18 -23.89 7.19
CA GLU E 245 -11.62 -22.90 8.11
C GLU E 245 -10.09 -22.79 8.08
N LYS E 246 -9.59 -21.60 8.40
CA LYS E 246 -8.15 -21.40 8.44
C LYS E 246 -7.68 -21.33 9.89
N THR E 247 -6.73 -22.20 10.23
CA THR E 247 -6.18 -22.24 11.57
C THR E 247 -4.66 -22.36 11.45
N THR E 248 -3.99 -22.62 12.56
CA THR E 248 -2.53 -22.76 12.55
C THR E 248 -2.09 -24.14 13.02
N LEU E 249 -1.36 -24.83 12.16
CA LEU E 249 -0.84 -26.16 12.50
C LEU E 249 0.65 -26.22 12.16
N SER E 250 1.45 -26.54 13.17
CA SER E 250 2.89 -26.66 13.00
C SER E 250 3.50 -25.28 12.84
N SER E 251 2.90 -24.31 13.52
CA SER E 251 3.32 -22.92 13.49
C SER E 251 3.23 -22.31 12.10
N ARG E 252 2.24 -22.77 11.33
CA ARG E 252 1.97 -22.29 9.98
C ARG E 252 0.47 -22.48 9.70
N PRO E 253 -0.05 -21.82 8.66
CA PRO E 253 -1.47 -21.93 8.30
C PRO E 253 -1.91 -23.33 7.87
N PHE E 254 -3.08 -23.75 8.34
CA PHE E 254 -3.62 -25.06 8.00
C PHE E 254 -5.07 -25.01 7.52
N TYR E 255 -5.28 -25.41 6.27
CA TYR E 255 -6.59 -25.42 5.64
C TYR E 255 -7.21 -26.82 5.65
N TRP E 256 -8.49 -26.91 6.01
CA TRP E 256 -9.17 -28.21 6.03
C TRP E 256 -10.70 -28.08 6.06
N CYS E 257 -11.38 -29.22 5.95
CA CYS E 257 -12.85 -29.26 5.98
C CYS E 257 -13.34 -29.85 7.31
N PRO E 258 -14.23 -29.15 8.01
CA PRO E 258 -14.74 -29.65 9.30
C PRO E 258 -15.59 -30.90 9.18
N GLY E 259 -16.31 -31.04 8.07
CA GLY E 259 -17.15 -32.22 7.89
C GLY E 259 -16.55 -33.26 6.98
N CYS E 260 -15.28 -33.09 6.66
CA CYS E 260 -14.63 -34.00 5.75
C CYS E 260 -13.41 -34.69 6.34
N GLN E 261 -12.84 -34.10 7.39
CA GLN E 261 -11.64 -34.63 8.03
C GLN E 261 -11.80 -34.98 9.51
N HIS E 262 -11.41 -36.20 9.87
CA HIS E 262 -11.58 -36.66 11.22
C HIS E 262 -10.34 -37.26 11.90
N PRO F 1 -6.85 23.12 3.33
CA PRO F 1 -7.24 24.43 2.73
C PRO F 1 -8.45 25.01 3.46
N GLN F 2 -8.35 26.26 3.90
CA GLN F 2 -9.43 26.88 4.68
C GLN F 2 -9.69 28.37 4.57
N GLY F 3 -8.77 29.13 3.99
CA GLY F 3 -8.97 30.55 3.87
C GLY F 3 -7.77 31.12 3.14
N PRO F 4 -6.59 31.10 3.76
CA PRO F 4 -5.37 31.61 3.12
C PRO F 4 -5.08 30.85 1.83
N GLU F 5 -5.54 29.61 1.79
CA GLU F 5 -5.34 28.73 0.63
C GLU F 5 -6.30 29.11 -0.52
N ILE F 6 -7.59 29.26 -0.18
CA ILE F 6 -8.60 29.60 -1.16
C ILE F 6 -8.32 30.94 -1.83
N ARG F 7 -7.96 31.93 -1.02
CA ARG F 7 -7.65 33.27 -1.52
C ARG F 7 -6.44 33.14 -2.43
N ARG F 8 -5.50 32.32 -1.99
CA ARG F 8 -4.26 32.05 -2.72
C ARG F 8 -4.58 31.45 -4.08
N ALA F 9 -5.58 30.58 -4.13
CA ALA F 9 -5.97 29.97 -5.39
C ALA F 9 -6.69 31.05 -6.22
N ALA F 10 -7.64 31.73 -5.58
CA ALA F 10 -8.43 32.78 -6.20
C ALA F 10 -7.56 33.73 -7.00
N ASP F 11 -6.39 34.07 -6.44
CA ASP F 11 -5.48 34.97 -7.11
C ASP F 11 -4.98 34.32 -8.38
N ASN F 12 -4.74 33.01 -8.32
CA ASN F 12 -4.25 32.29 -9.48
C ASN F 12 -5.24 32.23 -10.61
N LEU F 13 -6.51 32.11 -10.25
CA LEU F 13 -7.56 32.04 -11.23
C LEU F 13 -7.65 33.36 -12.00
N GLU F 14 -7.68 34.48 -11.28
CA GLU F 14 -7.78 35.80 -11.93
C GLU F 14 -6.63 36.04 -12.91
N ALA F 15 -5.41 36.12 -12.39
CA ALA F 15 -4.22 36.35 -13.20
C ALA F 15 -4.28 35.50 -14.45
N ALA F 16 -4.91 34.34 -14.32
CA ALA F 16 -5.02 33.43 -15.43
C ALA F 16 -6.21 33.71 -16.36
N ILE F 17 -7.30 34.27 -15.86
CA ILE F 17 -8.45 34.50 -16.73
C ILE F 17 -9.31 35.76 -16.57
N LYS F 18 -8.95 36.65 -15.66
CA LYS F 18 -9.76 37.86 -15.51
C LYS F 18 -9.85 38.58 -16.85
N GLY F 19 -11.05 39.04 -17.17
CA GLY F 19 -11.27 39.78 -18.41
C GLY F 19 -11.07 39.07 -19.75
N LYS F 20 -10.73 37.79 -19.72
CA LYS F 20 -10.53 37.05 -20.96
C LYS F 20 -11.78 36.28 -21.36
N PRO F 21 -12.23 36.46 -22.60
CA PRO F 21 -13.43 35.77 -23.09
C PRO F 21 -13.21 34.26 -23.00
N LEU F 22 -14.14 33.57 -22.34
CA LEU F 22 -14.01 32.12 -22.22
C LEU F 22 -14.24 31.44 -23.57
N THR F 23 -13.30 30.59 -23.98
CA THR F 23 -13.43 29.90 -25.26
C THR F 23 -14.20 28.61 -25.08
N ASP F 24 -14.24 28.12 -23.85
CA ASP F 24 -14.99 26.92 -23.56
C ASP F 24 -15.43 26.84 -22.10
N VAL F 25 -16.70 26.54 -21.88
CA VAL F 25 -17.19 26.40 -20.53
C VAL F 25 -17.68 24.99 -20.36
N TRP F 26 -17.11 24.27 -19.40
CA TRP F 26 -17.52 22.91 -19.20
C TRP F 26 -17.81 22.55 -17.76
N PHE F 27 -18.91 21.82 -17.58
CA PHE F 27 -19.34 21.35 -16.27
C PHE F 27 -19.58 19.84 -16.38
N ALA F 28 -19.37 19.13 -15.28
CA ALA F 28 -19.59 17.69 -15.30
C ALA F 28 -21.01 17.40 -14.82
N PHE F 29 -21.49 18.16 -13.82
CA PHE F 29 -22.85 17.96 -13.30
C PHE F 29 -23.89 18.06 -14.39
N PRO F 30 -25.06 17.45 -14.18
CA PRO F 30 -26.12 17.50 -15.19
C PRO F 30 -26.99 18.76 -15.09
N GLN F 31 -27.18 19.27 -13.88
CA GLN F 31 -28.03 20.44 -13.65
C GLN F 31 -27.36 21.79 -13.88
N LEU F 32 -26.18 21.78 -14.49
CA LEU F 32 -25.46 23.02 -14.74
C LEU F 32 -24.95 23.14 -16.16
N LYS F 33 -25.14 22.11 -16.96
CA LYS F 33 -24.68 22.14 -18.35
C LYS F 33 -25.40 23.13 -19.24
N THR F 34 -26.59 23.56 -18.83
CA THR F 34 -27.34 24.54 -19.60
C THR F 34 -26.59 25.87 -19.57
N TYR F 35 -25.67 26.02 -18.62
CA TYR F 35 -24.89 27.24 -18.53
C TYR F 35 -23.61 27.23 -19.38
N GLN F 36 -23.40 26.16 -20.14
CA GLN F 36 -22.21 26.08 -20.96
C GLN F 36 -22.18 27.12 -22.10
N SER F 37 -23.20 27.10 -22.95
CA SER F 37 -23.26 28.07 -24.04
C SER F 37 -23.49 29.52 -23.58
N GLN F 38 -24.29 29.71 -22.54
CA GLN F 38 -24.56 31.05 -22.01
C GLN F 38 -23.32 31.86 -21.53
N LEU F 39 -22.20 31.20 -21.31
CA LEU F 39 -20.97 31.87 -20.85
C LEU F 39 -19.85 32.01 -21.89
N ILE F 40 -19.89 31.19 -22.95
CA ILE F 40 -18.87 31.30 -24.00
C ILE F 40 -18.99 32.69 -24.60
N GLY F 41 -17.96 33.51 -24.42
CA GLY F 41 -18.00 34.87 -24.94
C GLY F 41 -18.05 35.85 -23.78
N GLN F 42 -18.49 35.36 -22.62
CA GLN F 42 -18.54 36.18 -21.45
C GLN F 42 -17.14 36.02 -20.86
N HIS F 43 -16.88 36.65 -19.72
CA HIS F 43 -15.58 36.56 -19.09
C HIS F 43 -15.71 36.75 -17.58
N VAL F 44 -14.67 36.35 -16.86
CA VAL F 44 -14.67 36.51 -15.41
C VAL F 44 -14.41 37.96 -15.04
N THR F 45 -15.28 38.50 -14.19
CA THR F 45 -15.16 39.87 -13.76
C THR F 45 -14.05 39.96 -12.73
N HIS F 46 -14.09 39.04 -11.78
CA HIS F 46 -13.10 38.97 -10.72
C HIS F 46 -13.51 37.74 -9.93
N VAL F 47 -12.56 37.08 -9.27
CA VAL F 47 -12.91 35.93 -8.44
C VAL F 47 -13.04 36.41 -7.00
N GLU F 48 -14.08 35.99 -6.30
CA GLU F 48 -14.29 36.42 -4.92
C GLU F 48 -14.17 35.30 -3.90
N THR F 49 -13.63 35.64 -2.74
CA THR F 49 -13.47 34.69 -1.65
C THR F 49 -14.18 35.15 -0.39
N ARG F 50 -15.02 34.26 0.16
CA ARG F 50 -15.75 34.53 1.38
C ARG F 50 -15.48 33.32 2.27
N GLY F 51 -14.38 33.39 3.01
CA GLY F 51 -14.01 32.27 3.86
C GLY F 51 -13.55 31.20 2.90
N LYS F 52 -14.21 30.04 2.95
CA LYS F 52 -13.85 28.93 2.07
C LYS F 52 -14.74 28.86 0.83
N ALA F 53 -15.50 29.91 0.58
CA ALA F 53 -16.38 29.97 -0.59
C ALA F 53 -15.72 30.67 -1.77
N LEU F 54 -15.73 30.02 -2.93
CA LEU F 54 -15.14 30.58 -4.14
C LEU F 54 -16.28 31.11 -5.03
N LEU F 55 -16.26 32.42 -5.29
CA LEU F 55 -17.27 33.04 -6.10
C LEU F 55 -16.73 33.66 -7.38
N THR F 56 -16.83 32.93 -8.49
CA THR F 56 -16.38 33.49 -9.74
C THR F 56 -17.54 34.25 -10.33
N HIS F 57 -17.36 35.54 -10.56
CA HIS F 57 -18.38 36.42 -11.13
C HIS F 57 -18.24 36.52 -12.65
N PHE F 58 -19.36 36.42 -13.35
CA PHE F 58 -19.34 36.50 -14.81
C PHE F 58 -19.83 37.83 -15.39
N SER F 59 -19.80 37.93 -16.72
CA SER F 59 -20.22 39.14 -17.40
C SER F 59 -21.73 39.29 -17.43
N ASN F 60 -22.43 38.15 -17.53
CA ASN F 60 -23.89 38.10 -17.59
C ASN F 60 -24.54 38.10 -16.21
N ASP F 61 -23.86 38.64 -15.22
CA ASP F 61 -24.40 38.70 -13.85
C ASP F 61 -24.52 37.35 -13.10
N LEU F 62 -24.07 36.26 -13.73
CA LEU F 62 -24.13 34.94 -13.08
C LEU F 62 -22.92 34.68 -12.17
N THR F 63 -23.14 33.83 -11.17
CA THR F 63 -22.10 33.49 -10.20
C THR F 63 -21.94 32.00 -9.91
N LEU F 64 -20.76 31.47 -10.23
CA LEU F 64 -20.47 30.06 -10.00
C LEU F 64 -19.98 29.99 -8.57
N TYR F 65 -20.63 29.16 -7.76
CA TYR F 65 -20.27 28.98 -6.37
C TYR F 65 -19.55 27.63 -6.31
N SER F 66 -18.41 27.58 -5.62
CA SER F 66 -17.65 26.32 -5.48
C SER F 66 -16.91 26.24 -4.17
N HIS F 67 -17.08 25.13 -3.47
CA HIS F 67 -16.44 24.95 -2.19
C HIS F 67 -15.66 23.64 -2.21
N ASN F 68 -14.34 23.76 -2.27
CA ASN F 68 -13.42 22.63 -2.32
C ASN F 68 -13.49 21.73 -1.12
N GLN F 69 -14.34 22.07 -0.18
CA GLN F 69 -14.49 21.31 1.06
C GLN F 69 -13.13 20.77 1.55
N LEU F 70 -12.94 19.45 1.48
CA LEU F 70 -11.70 18.83 1.94
C LEU F 70 -10.81 18.30 0.82
N TYR F 71 -11.33 18.21 -0.40
CA TYR F 71 -10.57 17.64 -1.51
C TYR F 71 -10.51 18.47 -2.80
N GLY F 72 -11.37 19.48 -2.92
CA GLY F 72 -11.37 20.32 -4.11
C GLY F 72 -10.07 21.07 -4.33
N VAL F 73 -9.55 20.99 -5.55
CA VAL F 73 -8.29 21.65 -5.91
C VAL F 73 -8.35 22.37 -7.28
N TRP F 74 -7.88 23.61 -7.35
CA TRP F 74 -7.86 24.33 -8.61
C TRP F 74 -6.50 24.20 -9.30
N ARG F 75 -6.53 24.09 -10.62
CA ARG F 75 -5.30 23.96 -11.36
C ARG F 75 -5.29 24.87 -12.57
N VAL F 76 -4.22 25.64 -12.70
CA VAL F 76 -4.05 26.56 -13.80
C VAL F 76 -3.12 25.91 -14.82
N VAL F 77 -3.51 25.91 -16.09
CA VAL F 77 -2.66 25.32 -17.12
C VAL F 77 -2.88 26.04 -18.44
N ASP F 78 -2.05 25.73 -19.43
CA ASP F 78 -2.22 26.37 -20.73
C ASP F 78 -3.35 25.66 -21.47
N THR F 79 -4.07 26.40 -22.30
CA THR F 79 -5.19 25.85 -23.06
C THR F 79 -4.88 24.56 -23.82
N GLY F 80 -5.83 23.62 -23.76
CA GLY F 80 -5.69 22.34 -24.45
C GLY F 80 -4.97 21.27 -23.66
N GLU F 81 -4.05 21.69 -22.81
CA GLU F 81 -3.28 20.75 -22.01
C GLU F 81 -4.04 20.28 -20.77
N GLU F 82 -4.07 18.97 -20.60
CA GLU F 82 -4.78 18.35 -19.49
C GLU F 82 -3.85 17.31 -18.84
N PRO F 83 -3.05 17.73 -17.83
CA PRO F 83 -2.10 16.89 -17.09
C PRO F 83 -2.71 15.65 -16.47
N GLN F 84 -2.37 14.48 -17.01
CA GLN F 84 -2.90 13.22 -16.50
C GLN F 84 -2.88 13.25 -14.98
N THR F 85 -3.90 12.64 -14.39
CA THR F 85 -4.04 12.61 -12.94
C THR F 85 -5.22 11.67 -12.61
N THR F 86 -5.35 11.34 -11.33
CA THR F 86 -6.41 10.46 -10.87
C THR F 86 -7.65 11.16 -10.30
N ARG F 87 -7.67 12.49 -10.34
CA ARG F 87 -8.81 13.23 -9.82
C ARG F 87 -9.79 13.47 -10.95
N VAL F 88 -11.07 13.61 -10.59
CA VAL F 88 -12.16 13.84 -11.54
C VAL F 88 -12.41 15.32 -11.83
N LEU F 89 -12.49 15.67 -13.11
CA LEU F 89 -12.73 17.06 -13.46
C LEU F 89 -14.18 17.44 -13.27
N ARG F 90 -14.40 18.54 -12.56
CA ARG F 90 -15.74 19.01 -12.29
C ARG F 90 -16.00 20.32 -13.05
N VAL F 91 -14.99 21.17 -13.16
CA VAL F 91 -15.14 22.44 -13.86
C VAL F 91 -13.95 22.84 -14.73
N LYS F 92 -14.26 23.47 -15.87
CA LYS F 92 -13.27 23.96 -16.82
C LYS F 92 -13.67 25.32 -17.39
N LEU F 93 -12.93 26.36 -17.04
CA LEU F 93 -13.18 27.69 -17.56
C LEU F 93 -11.94 28.01 -18.38
N GLN F 94 -12.05 27.73 -19.67
CA GLN F 94 -10.98 27.91 -20.63
C GLN F 94 -11.02 29.22 -21.42
N THR F 95 -9.84 29.67 -21.81
CA THR F 95 -9.71 30.88 -22.61
C THR F 95 -8.65 30.61 -23.67
N ALA F 96 -8.37 31.60 -24.52
CA ALA F 96 -7.38 31.43 -25.58
C ALA F 96 -6.02 30.92 -25.10
N ASP F 97 -5.59 31.33 -23.92
CA ASP F 97 -4.28 30.88 -23.43
C ASP F 97 -4.21 30.11 -22.13
N LYS F 98 -4.95 30.55 -21.11
CA LYS F 98 -4.95 29.85 -19.83
C LYS F 98 -6.29 29.13 -19.63
N THR F 99 -6.25 27.98 -18.98
CA THR F 99 -7.48 27.22 -18.73
C THR F 99 -7.49 26.65 -17.31
N ILE F 100 -8.14 27.34 -16.39
CA ILE F 100 -8.22 26.88 -15.01
C ILE F 100 -9.21 25.72 -14.93
N LEU F 101 -8.87 24.73 -14.11
CA LEU F 101 -9.70 23.53 -13.94
C LEU F 101 -10.01 23.31 -12.49
N LEU F 102 -11.20 22.83 -12.19
CA LEU F 102 -11.55 22.55 -10.82
C LEU F 102 -11.72 21.06 -10.63
N TYR F 103 -10.80 20.46 -9.90
CA TYR F 103 -10.88 19.04 -9.65
C TYR F 103 -11.61 18.71 -8.34
N SER F 104 -11.99 17.44 -8.24
CA SER F 104 -12.63 16.81 -7.09
C SER F 104 -13.86 17.36 -6.37
N ALA F 105 -13.96 18.67 -6.23
CA ALA F 105 -15.06 19.30 -5.51
C ALA F 105 -16.47 18.85 -5.94
N SER F 106 -17.36 18.70 -4.96
CA SER F 106 -18.73 18.29 -5.24
C SER F 106 -19.79 19.38 -4.96
N ASP F 107 -19.38 20.43 -4.25
CA ASP F 107 -20.27 21.54 -3.92
C ASP F 107 -20.06 22.58 -5.02
N ILE F 108 -20.96 22.63 -5.99
CA ILE F 108 -20.85 23.58 -7.09
C ILE F 108 -22.25 23.93 -7.58
N GLU F 109 -22.65 25.17 -7.39
CA GLU F 109 -23.97 25.64 -7.79
C GLU F 109 -23.84 26.77 -8.81
N MET F 110 -24.96 27.26 -9.30
CA MET F 110 -24.94 28.39 -10.22
C MET F 110 -25.88 29.41 -9.59
N LEU F 111 -25.32 30.55 -9.19
CA LEU F 111 -26.10 31.57 -8.49
C LEU F 111 -26.47 32.79 -9.30
N ARG F 112 -27.72 33.20 -9.15
CA ARG F 112 -28.23 34.40 -9.79
C ARG F 112 -28.17 35.49 -8.72
N PRO F 113 -28.08 36.77 -9.12
CA PRO F 113 -28.02 37.84 -8.13
C PRO F 113 -28.97 37.67 -6.93
N GLU F 114 -30.24 37.36 -7.24
CA GLU F 114 -31.26 37.17 -6.22
C GLU F 114 -31.17 35.77 -5.60
N GLN F 115 -30.18 35.01 -6.04
CA GLN F 115 -29.95 33.66 -5.55
C GLN F 115 -28.63 33.61 -4.79
N LEU F 116 -27.73 34.52 -5.15
CA LEU F 116 -26.42 34.60 -4.51
C LEU F 116 -26.63 34.92 -3.05
N THR F 117 -26.69 36.23 -2.76
CA THR F 117 -26.89 36.79 -1.42
C THR F 117 -27.60 35.90 -0.39
N THR F 118 -28.76 35.36 -0.77
CA THR F 118 -29.56 34.53 0.14
C THR F 118 -29.07 33.08 0.33
N HIS F 119 -28.04 32.68 -0.42
CA HIS F 119 -27.51 31.32 -0.31
C HIS F 119 -27.30 31.00 1.17
N PRO F 120 -27.85 29.87 1.64
CA PRO F 120 -27.70 29.48 3.05
C PRO F 120 -26.30 29.58 3.67
N PHE F 121 -25.26 29.15 2.94
CA PHE F 121 -23.92 29.25 3.50
C PHE F 121 -23.38 30.67 3.43
N LEU F 122 -23.68 31.35 2.32
CA LEU F 122 -23.23 32.73 2.12
C LEU F 122 -23.90 33.76 3.03
N GLN F 123 -25.13 33.49 3.45
CA GLN F 123 -25.86 34.39 4.34
C GLN F 123 -25.52 34.15 5.79
N ARG F 124 -25.00 32.97 6.10
CA ARG F 124 -24.67 32.59 7.46
C ARG F 124 -23.25 32.86 7.99
N VAL F 125 -22.29 33.10 7.10
CA VAL F 125 -20.91 33.32 7.53
C VAL F 125 -20.50 34.78 7.83
N GLY F 126 -19.86 34.96 8.98
CA GLY F 126 -19.40 36.27 9.40
C GLY F 126 -18.23 36.80 8.58
N PRO F 127 -17.59 37.91 9.03
CA PRO F 127 -16.46 38.60 8.41
C PRO F 127 -15.30 37.70 7.94
N ASP F 128 -14.70 38.08 6.81
CA ASP F 128 -13.59 37.36 6.20
C ASP F 128 -12.27 37.86 6.80
N VAL F 129 -11.54 36.98 7.49
CA VAL F 129 -10.28 37.40 8.12
C VAL F 129 -9.28 38.08 7.17
N LEU F 130 -9.37 37.80 5.88
CA LEU F 130 -8.44 38.40 4.92
C LEU F 130 -8.91 39.72 4.33
N ASP F 131 -9.98 40.28 4.87
CA ASP F 131 -10.50 41.56 4.39
C ASP F 131 -9.81 42.71 5.11
N PRO F 132 -9.06 43.53 4.37
CA PRO F 132 -8.35 44.67 4.95
C PRO F 132 -9.25 45.51 5.86
N ASN F 133 -10.54 45.54 5.52
CA ASN F 133 -11.51 46.28 6.32
C ASN F 133 -11.70 45.66 7.69
N LEU F 134 -11.57 44.36 7.80
CA LEU F 134 -11.74 43.74 9.12
C LEU F 134 -10.52 44.13 9.98
N THR F 135 -10.80 44.88 11.05
CA THR F 135 -9.75 45.37 11.94
C THR F 135 -9.76 44.70 13.32
N PRO F 136 -8.64 44.79 14.05
CA PRO F 136 -8.49 44.20 15.39
C PRO F 136 -9.59 44.66 16.35
N GLU F 137 -9.80 45.97 16.40
CA GLU F 137 -10.80 46.56 17.26
C GLU F 137 -12.18 45.95 16.98
N VAL F 138 -12.45 45.64 15.70
CA VAL F 138 -13.72 45.06 15.29
C VAL F 138 -13.91 43.63 15.81
N VAL F 139 -12.88 42.80 15.62
CA VAL F 139 -12.91 41.41 16.05
C VAL F 139 -13.03 41.32 17.54
N LYS F 140 -12.51 42.34 18.23
CA LYS F 140 -12.55 42.38 19.68
C LYS F 140 -13.97 42.65 20.19
N GLU F 141 -14.80 43.26 19.35
CA GLU F 141 -16.15 43.49 19.79
C GLU F 141 -17.03 42.31 19.42
N ARG F 142 -16.64 41.60 18.36
CA ARG F 142 -17.36 40.42 17.92
C ARG F 142 -17.09 39.29 18.93
N LEU F 143 -15.83 39.17 19.36
CA LEU F 143 -15.44 38.17 20.34
C LEU F 143 -16.22 38.43 21.64
N LEU F 144 -16.27 39.71 22.02
CA LEU F 144 -16.97 40.11 23.23
C LEU F 144 -18.46 40.19 22.98
N SER F 145 -18.85 40.33 21.71
CA SER F 145 -20.25 40.39 21.33
C SER F 145 -21.09 39.35 22.07
N PRO F 146 -22.32 39.72 22.45
CA PRO F 146 -23.18 38.78 23.17
C PRO F 146 -23.42 37.44 22.43
N ARG F 147 -23.12 37.44 21.12
CA ARG F 147 -23.31 36.25 20.27
C ARG F 147 -22.13 35.28 20.26
N PHE F 148 -20.94 35.75 20.62
CA PHE F 148 -19.76 34.88 20.61
C PHE F 148 -18.93 34.92 21.90
N ARG F 149 -19.35 35.72 22.87
CA ARG F 149 -18.66 35.85 24.16
C ARG F 149 -18.60 34.52 24.95
N ASN F 150 -19.71 33.78 24.98
CA ASN F 150 -19.76 32.51 25.70
C ASN F 150 -19.37 31.27 24.90
N ARG F 151 -18.88 31.47 23.69
CA ARG F 151 -18.47 30.35 22.85
C ARG F 151 -17.07 29.88 23.25
N GLN F 152 -16.92 28.59 23.49
CA GLN F 152 -15.62 28.04 23.82
C GLN F 152 -14.78 28.22 22.55
N PHE F 153 -13.56 28.74 22.67
CA PHE F 153 -12.73 28.95 21.49
C PHE F 153 -12.56 27.65 20.72
N ALA F 154 -13.08 26.57 21.32
CA ALA F 154 -13.01 25.25 20.74
C ALA F 154 -13.67 25.22 19.37
N GLY F 155 -14.96 25.52 19.33
CA GLY F 155 -15.68 25.50 18.07
C GLY F 155 -15.66 26.81 17.31
N LEU F 156 -15.64 27.91 18.04
CA LEU F 156 -15.64 29.25 17.44
C LEU F 156 -14.65 29.42 16.30
N LEU F 157 -13.41 29.02 16.53
CA LEU F 157 -12.35 29.14 15.52
C LEU F 157 -12.66 28.35 14.25
N LEU F 158 -13.57 27.38 14.37
CA LEU F 158 -13.97 26.57 13.23
C LEU F 158 -15.30 27.04 12.66
N ASP F 159 -16.00 27.90 13.40
CA ASP F 159 -17.30 28.43 13.01
C ASP F 159 -17.17 29.57 12.00
N GLN F 160 -17.87 29.45 10.88
CA GLN F 160 -17.77 30.46 9.85
C GLN F 160 -18.74 31.62 10.11
N ALA F 161 -19.61 31.43 11.09
CA ALA F 161 -20.58 32.46 11.46
C ALA F 161 -19.84 33.55 12.21
N PHE F 162 -18.72 33.16 12.82
CA PHE F 162 -17.91 34.09 13.57
C PHE F 162 -16.86 34.79 12.70
N LEU F 163 -15.94 34.00 12.15
CA LEU F 163 -14.90 34.55 11.29
C LEU F 163 -14.60 33.64 10.11
N ALA F 164 -14.94 34.11 8.91
CA ALA F 164 -14.74 33.31 7.70
C ALA F 164 -13.29 33.19 7.23
N GLY F 165 -12.87 31.94 7.03
CA GLY F 165 -11.53 31.65 6.53
C GLY F 165 -10.76 30.63 7.35
N LEU F 166 -10.98 30.69 8.66
CA LEU F 166 -10.30 29.86 9.64
C LEU F 166 -10.60 28.38 9.57
N GLY F 167 -9.55 27.60 9.39
CA GLY F 167 -9.71 26.17 9.36
C GLY F 167 -9.06 25.60 10.60
N ASN F 168 -8.88 24.29 10.64
CA ASN F 168 -8.29 23.68 11.80
C ASN F 168 -6.78 23.87 12.00
N TYR F 169 -6.03 24.24 10.96
CA TYR F 169 -4.60 24.43 11.15
C TYR F 169 -4.35 25.81 11.70
N LEU F 170 -5.19 26.78 11.31
CA LEU F 170 -5.08 28.14 11.80
C LEU F 170 -5.61 28.15 13.23
N ARG F 171 -6.74 27.48 13.42
CA ARG F 171 -7.36 27.39 14.74
C ARG F 171 -6.33 27.32 15.86
N VAL F 172 -5.78 26.11 16.01
CA VAL F 172 -4.80 25.79 17.05
C VAL F 172 -3.42 26.45 16.93
N GLU F 173 -3.04 26.94 15.76
CA GLU F 173 -1.75 27.63 15.63
C GLU F 173 -1.95 29.00 16.30
N ILE F 174 -3.17 29.52 16.20
CA ILE F 174 -3.53 30.80 16.79
C ILE F 174 -3.51 30.70 18.31
N LEU F 175 -4.03 29.62 18.86
CA LEU F 175 -4.07 29.41 20.30
C LEU F 175 -2.67 29.31 20.95
N TRP F 176 -1.77 28.61 20.30
CA TRP F 176 -0.42 28.44 20.81
C TRP F 176 0.32 29.77 20.80
N GLN F 177 -0.06 30.65 19.87
CA GLN F 177 0.57 31.97 19.71
C GLN F 177 0.07 32.98 20.75
N VAL F 178 -1.02 32.66 21.42
CA VAL F 178 -1.56 33.53 22.46
C VAL F 178 -1.68 32.75 23.75
N GLY F 179 -1.00 31.61 23.80
CA GLY F 179 -0.99 30.77 24.99
C GLY F 179 -2.30 30.19 25.49
N LEU F 180 -3.31 30.13 24.64
CA LEU F 180 -4.59 29.60 25.09
C LEU F 180 -4.91 28.19 24.60
N THR F 181 -5.69 27.47 25.40
CA THR F 181 -6.10 26.11 25.06
C THR F 181 -7.49 26.11 24.40
N GLY F 182 -8.26 25.05 24.63
CA GLY F 182 -9.57 24.94 24.01
C GLY F 182 -10.79 25.48 24.71
N ASN F 183 -10.98 25.10 25.97
CA ASN F 183 -12.13 25.56 26.74
C ASN F 183 -11.95 26.91 27.40
N HIS F 184 -11.90 27.95 26.58
CA HIS F 184 -11.75 29.31 27.08
C HIS F 184 -12.74 30.19 26.32
N LYS F 185 -13.56 30.91 27.07
CA LYS F 185 -14.57 31.77 26.48
C LYS F 185 -14.05 33.19 26.36
N ALA F 186 -14.40 33.84 25.26
CA ALA F 186 -13.94 35.20 25.00
C ALA F 186 -14.46 36.21 26.02
N LYS F 187 -15.02 35.73 27.12
CA LYS F 187 -15.51 36.62 28.15
C LYS F 187 -14.67 36.55 29.44
N ASP F 188 -14.10 35.39 29.74
CA ASP F 188 -13.31 35.24 30.96
C ASP F 188 -11.80 35.52 30.79
N LEU F 189 -11.43 36.40 29.87
CA LEU F 189 -10.02 36.70 29.66
C LEU F 189 -9.66 38.14 29.93
N ASN F 190 -8.39 38.41 30.17
CA ASN F 190 -7.96 39.77 30.43
C ASN F 190 -7.86 40.56 29.13
N ALA F 191 -7.80 41.88 29.25
CA ALA F 191 -7.74 42.78 28.11
C ALA F 191 -6.50 42.56 27.23
N ALA F 192 -5.39 42.18 27.85
CA ALA F 192 -4.14 41.93 27.14
C ALA F 192 -4.27 40.72 26.22
N GLN F 193 -4.81 39.63 26.77
CA GLN F 193 -5.02 38.41 26.00
C GLN F 193 -5.98 38.72 24.84
N LEU F 194 -7.10 39.34 25.18
CA LEU F 194 -8.11 39.70 24.18
C LEU F 194 -7.45 40.46 23.03
N ASP F 195 -6.53 41.35 23.38
CA ASP F 195 -5.85 42.09 22.36
C ASP F 195 -5.03 41.17 21.49
N ALA F 196 -4.27 40.28 22.10
CA ALA F 196 -3.45 39.36 21.34
C ALA F 196 -4.33 38.44 20.51
N LEU F 197 -5.38 37.92 21.12
CA LEU F 197 -6.27 37.02 20.41
C LEU F 197 -6.83 37.71 19.16
N ALA F 198 -7.49 38.84 19.35
CA ALA F 198 -8.04 39.59 18.22
C ALA F 198 -6.98 39.80 17.12
N HIS F 199 -5.78 40.23 17.52
CA HIS F 199 -4.70 40.46 16.55
C HIS F 199 -4.25 39.17 15.90
N ALA F 200 -4.37 38.08 16.67
CA ALA F 200 -3.97 36.76 16.19
C ALA F 200 -4.98 36.20 15.17
N LEU F 201 -6.25 36.34 15.49
CA LEU F 201 -7.32 35.87 14.61
C LEU F 201 -7.26 36.54 13.23
N LEU F 202 -6.41 37.55 13.07
CA LEU F 202 -6.28 38.23 11.80
C LEU F 202 -4.87 38.19 11.24
N GLU F 203 -3.89 38.28 12.13
CA GLU F 203 -2.49 38.30 11.72
C GLU F 203 -1.95 36.99 11.12
N ILE F 204 -2.16 35.87 11.80
CA ILE F 204 -1.62 34.62 11.27
C ILE F 204 -2.16 34.32 9.87
N PRO F 205 -3.49 34.37 9.70
CA PRO F 205 -4.09 34.09 8.40
C PRO F 205 -3.45 34.93 7.29
N ARG F 206 -3.36 36.23 7.53
CA ARG F 206 -2.78 37.15 6.54
C ARG F 206 -1.33 36.81 6.32
N PHE F 207 -0.69 36.31 7.37
CA PHE F 207 0.70 35.94 7.26
C PHE F 207 0.76 34.69 6.39
N SER F 208 -0.02 33.66 6.73
CA SER F 208 -0.04 32.45 5.92
C SER F 208 -0.46 32.79 4.47
N TYR F 209 -1.39 33.73 4.34
CA TYR F 209 -1.85 34.14 3.01
C TYR F 209 -0.74 34.81 2.21
N ALA F 210 0.24 35.39 2.92
CA ALA F 210 1.32 36.11 2.26
C ALA F 210 2.69 35.43 2.15
N THR F 211 2.89 34.30 2.81
CA THR F 211 4.21 33.66 2.72
C THR F 211 4.27 32.14 2.57
N ARG F 212 3.28 31.41 3.07
CA ARG F 212 3.28 29.96 2.99
C ARG F 212 3.35 29.42 1.57
N ALA F 223 10.00 35.17 9.05
CA ALA F 223 9.41 35.94 7.92
C ALA F 223 8.48 35.09 7.06
N LEU F 224 8.50 33.77 7.30
CA LEU F 224 7.64 32.84 6.55
C LEU F 224 6.85 31.95 7.50
N PHE F 225 5.53 31.94 7.34
CA PHE F 225 4.68 31.13 8.19
C PHE F 225 5.09 29.67 8.29
N ARG F 226 5.06 29.18 9.52
CA ARG F 226 5.41 27.79 9.84
C ARG F 226 4.52 27.34 10.98
N PHE F 227 4.10 26.08 10.93
CA PHE F 227 3.28 25.52 12.00
C PHE F 227 4.20 25.25 13.20
N LYS F 228 3.75 25.62 14.39
CA LYS F 228 4.52 25.43 15.61
C LYS F 228 4.12 24.14 16.30
N VAL F 229 2.85 23.78 16.17
CA VAL F 229 2.35 22.57 16.81
C VAL F 229 1.56 21.68 15.85
N PHE F 230 0.96 22.29 14.83
CA PHE F 230 0.14 21.57 13.83
C PHE F 230 0.85 20.33 13.32
N HIS F 231 0.44 19.17 13.81
CA HIS F 231 1.04 17.91 13.42
C HIS F 231 2.52 17.84 13.75
N ARG F 232 2.94 18.57 14.77
CA ARG F 232 4.33 18.53 15.19
C ARG F 232 4.35 17.92 16.57
N ASP F 233 3.33 17.12 16.87
CA ASP F 233 3.27 16.48 18.18
C ASP F 233 4.40 15.47 18.31
N GLY F 234 4.87 15.29 19.53
CA GLY F 234 5.97 14.39 19.76
C GLY F 234 7.25 15.20 19.68
N GLU F 235 7.19 16.33 18.97
CA GLU F 235 8.34 17.22 18.82
C GLU F 235 8.44 18.22 19.96
N PRO F 236 9.58 18.92 20.07
CA PRO F 236 9.72 19.91 21.15
C PRO F 236 9.10 21.26 20.80
N CYS F 237 8.63 21.96 21.82
CA CYS F 237 8.02 23.27 21.61
C CYS F 237 9.05 24.34 21.29
N GLU F 238 8.82 25.08 20.22
CA GLU F 238 9.72 26.15 19.82
C GLU F 238 9.70 27.24 20.89
N ARG F 239 8.82 27.10 21.88
CA ARG F 239 8.75 28.11 22.93
C ARG F 239 9.30 27.71 24.29
N CYS F 240 8.72 26.71 24.92
CA CYS F 240 9.19 26.29 26.24
C CYS F 240 9.94 24.97 26.16
N GLY F 241 10.07 24.44 24.94
CA GLY F 241 10.78 23.19 24.75
C GLY F 241 9.97 21.96 25.08
N SER F 242 8.71 22.13 25.46
CA SER F 242 7.88 20.98 25.80
C SER F 242 7.39 20.18 24.58
N ILE F 243 7.21 18.88 24.78
CA ILE F 243 6.76 18.00 23.72
C ILE F 243 5.30 18.26 23.36
N ILE F 244 5.07 18.63 22.11
CA ILE F 244 3.73 18.91 21.64
C ILE F 244 2.87 17.66 21.62
N GLU F 245 1.57 17.84 21.85
CA GLU F 245 0.64 16.72 21.89
C GLU F 245 -0.47 16.77 20.83
N LYS F 246 -1.39 15.81 20.92
CA LYS F 246 -2.50 15.74 19.99
C LYS F 246 -3.66 15.00 20.63
N THR F 247 -4.84 15.11 20.02
CA THR F 247 -6.06 14.46 20.49
C THR F 247 -7.23 15.13 19.79
N THR F 248 -8.45 14.80 20.19
CA THR F 248 -9.61 15.40 19.57
C THR F 248 -10.42 16.27 20.53
N LEU F 249 -10.87 17.41 20.02
CA LEU F 249 -11.69 18.38 20.75
C LEU F 249 -12.65 18.85 19.67
N SER F 250 -13.93 18.59 19.86
CA SER F 250 -14.92 18.97 18.88
C SER F 250 -14.69 18.20 17.58
N SER F 251 -14.54 16.89 17.72
CA SER F 251 -14.32 16.01 16.58
C SER F 251 -13.41 16.57 15.49
N ARG F 252 -12.24 17.07 15.90
CA ARG F 252 -11.26 17.63 14.96
C ARG F 252 -9.87 17.58 15.58
N PRO F 253 -8.83 17.32 14.78
CA PRO F 253 -7.47 17.27 15.33
C PRO F 253 -7.21 18.56 16.11
N PHE F 254 -6.40 18.49 17.16
CA PHE F 254 -6.13 19.67 17.99
C PHE F 254 -4.69 20.22 17.97
N TYR F 255 -3.80 19.65 18.78
CA TYR F 255 -2.43 20.15 18.80
C TYR F 255 -2.25 21.31 19.79
N TRP F 256 -1.18 21.24 20.59
CA TRP F 256 -0.90 22.27 21.61
C TRP F 256 0.31 21.95 22.51
N CYS F 257 0.48 22.73 23.57
CA CYS F 257 1.58 22.54 24.52
C CYS F 257 1.15 22.89 25.94
N CYS F 260 3.07 25.54 27.31
CA CYS F 260 2.83 27.01 27.33
C CYS F 260 1.46 27.40 26.75
N GLN F 261 0.44 26.61 27.04
CA GLN F 261 -0.93 26.87 26.57
C GLN F 261 -1.80 26.75 27.82
N HIS F 262 -2.55 27.79 28.13
CA HIS F 262 -3.41 27.75 29.30
C HIS F 262 -4.63 28.61 28.98
NA NA G . -6.48 14.53 2.66
ZN ZN H . -15.46 -31.56 3.12
S SO4 I . 4.77 -21.73 -4.36
O1 SO4 I . 4.32 -22.16 -3.03
O2 SO4 I . 5.63 -20.55 -4.20
O3 SO4 I . 5.54 -22.80 -5.00
O4 SO4 I . 3.60 -21.42 -5.18
ZN ZN J . 5.30 25.41 24.81
S SO4 K . -0.86 17.95 -21.53
O1 SO4 K . -2.21 18.04 -22.10
O2 SO4 K . -0.95 17.95 -20.05
O3 SO4 K . -0.23 16.68 -21.97
O4 SO4 K . -0.05 19.08 -21.98
S SO4 L . 1.01 29.96 -4.86
O1 SO4 L . -0.04 30.78 -4.18
O2 SO4 L . 0.60 29.61 -6.25
O3 SO4 L . 2.26 30.77 -4.93
O4 SO4 L . 1.25 28.72 -4.09
NA NA M . -16.35 19.24 22.32
#